data_4OTT
#
_entry.id   4OTT
#
_cell.length_a   60.896
_cell.length_b   61.968
_cell.length_c   148.245
_cell.angle_alpha   90.00
_cell.angle_beta   90.00
_cell.angle_gamma   90.00
#
_symmetry.space_group_name_H-M   'P 21 21 21'
#
loop_
_entity.id
_entity.type
_entity.pdbx_description
1 polymer 'Gamma glutamyl transpeptidase'
2 polymer Gamma-glutamyltranspeptidase
3 non-polymer 'MAGNESIUM ION'
4 water water
#
loop_
_entity_poly.entity_id
_entity_poly.type
_entity_poly.pdbx_seq_one_letter_code
_entity_poly.pdbx_strand_id
1 'polypeptide(L)'
;MRRLAFLVVAFCLAVGCFFSPVSKAEGVMSGGDGDKVAVGKDGMVATAHPLASKIGAEVLKKGGNAIDAAIAIQYALNVT
EPMMSGIGGGGFMMVYDGETKETSIINSRERAPEGAKPDMFLDEDGKVIPFSERSRHGNAVGVPGTLKGLEAAHKKWGTK
KMEDLISPSIKLTEEGFPIDSVLADAIKDHQDKLSKTAAKDIFLPDGEPLKEGDILVQKDMAKTFKLIRKEGSKAFYDGE
IGRAIADVVQDFGGSMTPDDLSRYEVTTDKPIWGEYHGYDIASMPPPSSGGVFMLQMLKLIDDFHLSQYDPKSFEKYHLL
AETMHLSYADRAAYAGDPEFVDVPLRGLLDPDYIKERQKLISLDSMNRDVKEGDPWKYEEGEPNYEIVPQPEDKTIGE
;
A
2 'polypeptide(L)'
;TTHFTVTDQWGNVVSYTTTIEQLFGTGILVPGYGLFLNNELTDFDAIPGGANEVQPNKRPLSSMTPTIVFKDEKPVLTVG
SPGGTTIIASVFQTILNYFEYGMSLQDAIEEPRIYTNSLTSYRYESGMPEDVRRKLNDFGHKFGSNPVDIGNVQSIFIDR
ENKTFMGVADSSRNGTAVGVNIKTSAK
;
B
#
# COMPACT_ATOMS: atom_id res chain seq x y z
N ASP A 35 7.16 -11.90 -18.13
CA ASP A 35 5.90 -12.67 -18.06
C ASP A 35 5.16 -12.42 -16.76
N LYS A 36 3.86 -12.67 -16.78
CA LYS A 36 3.01 -12.38 -15.62
C LYS A 36 2.84 -13.56 -14.70
N VAL A 37 3.21 -14.75 -15.20
CA VAL A 37 3.21 -15.97 -14.39
C VAL A 37 4.51 -16.72 -14.64
N ALA A 38 5.20 -17.16 -13.58
CA ALA A 38 6.37 -18.04 -13.74
C ALA A 38 6.93 -18.63 -12.44
N VAL A 39 7.74 -19.68 -12.59
CA VAL A 39 8.10 -20.59 -11.53
C VAL A 39 9.62 -20.75 -11.39
N GLY A 40 10.11 -20.90 -10.17
CA GLY A 40 11.58 -20.98 -9.93
C GLY A 40 11.92 -21.78 -8.68
N LYS A 41 13.16 -22.25 -8.55
CA LYS A 41 13.44 -23.19 -7.46
C LYS A 41 13.96 -22.45 -6.27
N ASP A 42 14.83 -21.48 -6.53
CA ASP A 42 15.67 -20.85 -5.50
C ASP A 42 15.34 -19.40 -5.18
N GLY A 43 14.57 -18.78 -6.03
CA GLY A 43 14.03 -17.51 -5.65
C GLY A 43 12.78 -17.17 -6.42
N MET A 44 12.07 -16.18 -5.94
CA MET A 44 11.06 -15.55 -6.76
C MET A 44 10.99 -14.07 -6.42
N VAL A 45 10.97 -13.27 -7.49
CA VAL A 45 10.65 -11.86 -7.40
C VAL A 45 9.44 -11.54 -8.29
N ALA A 46 8.50 -10.79 -7.73
CA ALA A 46 7.35 -10.30 -8.47
C ALA A 46 7.08 -8.87 -8.02
N THR A 47 7.12 -7.94 -8.99
CA THR A 47 6.98 -6.53 -8.70
C THR A 47 6.09 -5.89 -9.73
N ALA A 48 5.85 -4.59 -9.54
CA ALA A 48 4.94 -3.84 -10.38
C ALA A 48 5.50 -3.43 -11.72
N HIS A 49 6.82 -3.49 -11.89
CA HIS A 49 7.49 -2.99 -13.08
C HIS A 49 8.49 -4.02 -13.62
N PRO A 50 8.51 -4.20 -14.95
CA PRO A 50 9.43 -5.25 -15.49
C PRO A 50 10.90 -4.92 -15.27
N LEU A 51 11.24 -3.65 -15.30
CA LEU A 51 12.62 -3.33 -15.01
C LEU A 51 12.94 -3.44 -13.56
N ALA A 52 11.97 -3.55 -12.64
CA ALA A 52 12.22 -3.69 -11.21
C ALA A 52 12.37 -5.17 -10.78
N SER A 53 11.97 -6.08 -11.67
CA SER A 53 12.00 -7.51 -11.32
C SER A 53 13.24 -8.51 -11.46
N LYS A 54 13.91 -8.76 -12.60
CA LYS A 54 14.95 -7.98 -13.28
C LYS A 54 16.15 -7.93 -12.30
N ILE A 55 16.14 -6.93 -11.45
CA ILE A 55 17.35 -6.48 -10.79
C ILE A 55 17.33 -7.17 -9.49
N GLY A 56 16.14 -7.41 -8.95
CA GLY A 56 16.03 -8.18 -7.71
C GLY A 56 16.49 -9.59 -8.02
N ALA A 57 16.06 -10.10 -9.18
CA ALA A 57 16.40 -11.45 -9.59
C ALA A 57 17.93 -11.60 -9.67
N GLU A 58 18.58 -10.62 -10.30
CA GLU A 58 20.05 -10.54 -10.34
C GLU A 58 20.69 -10.68 -8.96
N VAL A 59 20.10 -9.98 -8.00
CA VAL A 59 20.58 -9.98 -6.64
C VAL A 59 20.46 -11.39 -6.05
N LEU A 60 19.36 -12.08 -6.31
CA LEU A 60 19.19 -13.41 -5.77
C LEU A 60 20.13 -14.39 -6.46
N LYS A 61 20.26 -14.26 -7.78
CA LYS A 61 21.21 -15.11 -8.54
C LYS A 61 22.62 -14.99 -8.02
N LYS A 62 23.00 -13.82 -7.51
CA LYS A 62 24.34 -13.69 -6.92
C LYS A 62 24.26 -13.89 -5.41
N GLY A 63 23.44 -14.84 -4.99
CA GLY A 63 23.43 -15.23 -3.57
C GLY A 63 22.92 -14.21 -2.57
N GLY A 64 22.49 -13.05 -3.04
CA GLY A 64 21.91 -12.06 -2.14
C GLY A 64 20.58 -12.59 -1.66
N ASN A 65 20.19 -12.26 -0.43
CA ASN A 65 18.94 -12.77 0.11
C ASN A 65 17.72 -11.94 -0.33
N ALA A 66 16.53 -12.38 0.06
CA ALA A 66 15.31 -11.65 -0.26
C ALA A 66 15.28 -10.18 0.18
N ILE A 67 15.80 -9.88 1.36
CA ILE A 67 15.75 -8.51 1.84
C ILE A 67 16.65 -7.65 0.98
N ASP A 68 17.86 -8.12 0.70
CA ASP A 68 18.81 -7.42 -0.17
C ASP A 68 18.06 -7.04 -1.44
N ALA A 69 17.45 -8.06 -2.04
CA ALA A 69 16.74 -7.89 -3.32
C ALA A 69 15.56 -6.91 -3.20
N ALA A 70 14.80 -7.02 -2.12
CA ALA A 70 13.66 -6.12 -1.88
C ALA A 70 14.08 -4.68 -1.89
N ILE A 71 15.19 -4.42 -1.20
CA ILE A 71 15.80 -3.08 -1.10
C ILE A 71 16.15 -2.59 -2.49
N ALA A 72 16.82 -3.45 -3.26
CA ALA A 72 17.22 -3.10 -4.61
C ALA A 72 16.02 -2.73 -5.44
N ILE A 73 14.98 -3.54 -5.30
CA ILE A 73 13.75 -3.31 -6.03
C ILE A 73 13.13 -1.95 -5.67
N GLN A 74 13.09 -1.61 -4.40
CA GLN A 74 12.46 -0.36 -3.98
C GLN A 74 13.18 0.82 -4.64
N TYR A 75 14.51 0.80 -4.73
CA TYR A 75 15.23 1.88 -5.41
C TYR A 75 14.85 1.86 -6.89
N ALA A 76 14.80 0.67 -7.48
CA ALA A 76 14.48 0.54 -8.90
C ALA A 76 13.08 1.06 -9.22
N LEU A 77 12.11 0.72 -8.38
CA LEU A 77 10.76 1.23 -8.53
C LEU A 77 10.71 2.72 -8.38
N ASN A 78 11.55 3.25 -7.49
CA ASN A 78 11.62 4.67 -7.28
C ASN A 78 12.00 5.39 -8.55
N VAL A 79 12.86 4.76 -9.33
CA VAL A 79 13.31 5.34 -10.59
C VAL A 79 12.37 5.05 -11.76
N THR A 80 11.91 3.81 -11.86
CA THR A 80 11.06 3.33 -12.95
C THR A 80 9.55 3.53 -12.78
N GLU A 81 9.12 3.69 -11.53
CA GLU A 81 7.73 3.83 -11.22
C GLU A 81 7.61 4.96 -10.23
N PRO A 82 8.17 6.12 -10.59
CA PRO A 82 8.39 7.22 -9.64
C PRO A 82 7.13 7.83 -9.04
N MET A 83 5.99 7.66 -9.71
CA MET A 83 4.74 8.22 -9.19
C MET A 83 4.21 7.38 -8.01
N MET A 84 4.66 6.12 -7.92
CA MET A 84 4.07 5.15 -6.98
C MET A 84 4.77 5.05 -5.65
N SER A 85 6.07 4.81 -5.65
CA SER A 85 6.82 4.50 -4.42
C SER A 85 8.08 5.34 -4.36
N GLY A 86 8.60 5.53 -3.17
CA GLY A 86 9.72 6.48 -3.07
C GLY A 86 10.32 6.73 -1.72
N ILE A 87 11.55 7.23 -1.73
CA ILE A 87 12.29 7.59 -0.52
C ILE A 87 11.76 8.92 0.00
N GLY A 88 10.96 9.60 -0.81
CA GLY A 88 10.10 10.68 -0.37
C GLY A 88 8.73 10.13 -0.03
N GLY A 89 8.69 9.01 0.67
CA GLY A 89 7.45 8.44 1.20
C GLY A 89 7.60 7.42 2.32
N GLY A 90 6.54 6.62 2.49
CA GLY A 90 6.47 5.62 3.54
C GLY A 90 6.11 4.24 3.02
N GLY A 91 6.20 3.24 3.88
CA GLY A 91 5.99 1.85 3.48
C GLY A 91 5.83 0.92 4.66
N PHE A 92 5.45 -0.33 4.37
CA PHE A 92 5.35 -1.35 5.37
C PHE A 92 5.96 -2.58 4.76
N MET A 93 7.01 -3.06 5.40
CA MET A 93 7.81 -4.14 4.86
C MET A 93 7.64 -5.35 5.74
N MET A 94 6.87 -6.35 5.34
CA MET A 94 6.67 -7.51 6.17
C MET A 94 7.64 -8.62 5.78
N VAL A 95 8.33 -9.20 6.76
CA VAL A 95 9.36 -10.21 6.47
C VAL A 95 9.22 -11.45 7.35
N TYR A 96 9.38 -12.60 6.71
CA TYR A 96 9.56 -13.84 7.45
C TYR A 96 11.03 -14.19 7.45
N ASP A 97 11.51 -14.47 8.67
CA ASP A 97 12.93 -14.78 8.90
C ASP A 97 13.32 -16.24 8.70
N GLY A 98 14.33 -16.43 7.86
CA GLY A 98 15.21 -17.60 7.88
C GLY A 98 14.68 -18.97 8.29
N GLU A 99 14.96 -19.51 9.49
CA GLU A 99 16.09 -19.24 10.42
C GLU A 99 15.47 -19.03 11.79
N THR A 100 15.13 -17.78 12.17
CA THR A 100 14.48 -17.51 13.47
C THR A 100 12.98 -17.74 13.43
N LYS A 101 12.40 -17.69 12.24
CA LYS A 101 11.02 -18.07 11.99
C LYS A 101 10.01 -17.10 12.58
N GLU A 102 10.52 -15.93 13.01
CA GLU A 102 9.65 -14.84 13.44
C GLU A 102 9.28 -13.95 12.25
N THR A 103 8.21 -13.20 12.44
CA THR A 103 7.70 -12.37 11.37
C THR A 103 7.57 -10.98 11.89
N SER A 104 8.09 -10.02 11.13
CA SER A 104 8.05 -8.63 11.57
C SER A 104 7.86 -7.66 10.42
N ILE A 105 7.56 -6.41 10.77
CA ILE A 105 7.30 -5.35 9.81
C ILE A 105 8.22 -4.14 10.07
N ILE A 106 8.90 -3.67 9.03
CA ILE A 106 9.63 -2.43 9.08
C ILE A 106 8.64 -1.37 8.62
N ASN A 107 8.16 -0.63 9.62
CA ASN A 107 7.13 0.39 9.49
C ASN A 107 7.84 1.71 9.25
N SER A 108 7.90 2.13 7.98
CA SER A 108 8.57 3.37 7.61
C SER A 108 7.55 4.43 7.21
N ARG A 109 6.36 4.38 7.80
CA ARG A 109 5.29 5.31 7.52
C ARG A 109 5.67 6.69 8.02
N GLU A 110 5.35 7.71 7.25
CA GLU A 110 5.75 9.07 7.59
C GLU A 110 5.04 9.56 8.85
N ARG A 111 5.66 10.54 9.51
CA ARG A 111 5.07 11.18 10.67
C ARG A 111 4.88 12.66 10.37
N ALA A 112 3.89 13.24 11.03
CA ALA A 112 3.60 14.64 10.84
C ALA A 112 4.67 15.45 11.57
N PRO A 113 5.15 16.54 10.95
CA PRO A 113 6.06 17.47 11.63
C PRO A 113 5.42 18.14 12.85
N GLU A 114 6.23 18.63 13.77
CA GLU A 114 5.71 19.17 15.02
C GLU A 114 4.86 20.42 14.79
N GLY A 115 5.00 21.06 13.63
CA GLY A 115 4.19 22.24 13.33
C GLY A 115 2.80 21.94 12.82
N ALA A 116 2.52 20.69 12.46
CA ALA A 116 1.21 20.32 11.98
C ALA A 116 0.16 20.47 13.07
N LYS A 117 -1.08 20.67 12.65
CA LYS A 117 -2.20 20.97 13.56
C LYS A 117 -3.44 20.18 13.13
N PRO A 118 -4.26 19.72 14.09
CA PRO A 118 -5.52 19.05 13.79
C PRO A 118 -6.38 19.71 12.72
N ASP A 119 -6.40 21.04 12.69
CA ASP A 119 -7.28 21.74 11.77
C ASP A 119 -6.53 22.35 10.58
N MET A 120 -5.32 21.88 10.33
CA MET A 120 -4.60 22.41 9.19
C MET A 120 -5.29 22.18 7.86
N PHE A 121 -6.29 21.29 7.80
CA PHE A 121 -6.94 21.01 6.54
C PHE A 121 -8.29 21.73 6.42
N LEU A 122 -8.52 22.70 7.29
CA LEU A 122 -9.68 23.56 7.15
C LEU A 122 -9.26 24.89 6.56
N ASP A 123 -10.13 25.51 5.77
CA ASP A 123 -9.95 26.93 5.43
C ASP A 123 -10.28 27.81 6.65
N GLU A 124 -10.16 29.13 6.49
CA GLU A 124 -10.51 30.05 7.58
C GLU A 124 -12.00 29.98 7.99
N ASP A 125 -12.86 29.41 7.15
CA ASP A 125 -14.26 29.30 7.49
C ASP A 125 -14.62 28.00 8.23
N GLY A 126 -13.62 27.18 8.56
CA GLY A 126 -13.86 25.90 9.19
C GLY A 126 -14.27 24.84 8.18
N LYS A 127 -14.15 25.14 6.89
CA LYS A 127 -14.57 24.23 5.83
C LYS A 127 -13.38 23.45 5.27
N VAL A 128 -13.60 22.16 4.99
CA VAL A 128 -12.52 21.30 4.52
C VAL A 128 -11.93 21.78 3.20
N ILE A 129 -10.61 21.78 3.09
CA ILE A 129 -10.02 22.30 1.88
C ILE A 129 -10.15 21.21 0.83
N PRO A 130 -10.61 21.55 -0.41
CA PRO A 130 -10.68 20.65 -1.55
C PRO A 130 -9.57 19.61 -1.54
N PHE A 131 -9.90 18.33 -1.77
CA PHE A 131 -8.82 17.33 -1.85
C PHE A 131 -7.71 17.73 -2.87
N SER A 132 -8.07 18.11 -4.08
CA SER A 132 -7.13 18.70 -5.05
C SER A 132 -6.16 19.75 -4.46
N GLU A 133 -6.59 20.49 -3.44
CA GLU A 133 -5.79 21.55 -2.85
C GLU A 133 -4.91 21.03 -1.73
N ARG A 134 -5.51 20.25 -0.85
CA ARG A 134 -4.80 19.62 0.27
C ARG A 134 -3.65 18.77 -0.26
N SER A 135 -3.95 18.08 -1.34
CA SER A 135 -3.07 17.13 -1.96
C SER A 135 -1.78 17.72 -2.50
N ARG A 136 -1.77 19.00 -2.85
CA ARG A 136 -0.53 19.57 -3.41
C ARG A 136 0.27 20.43 -2.43
N HIS A 137 -0.31 20.66 -1.26
CA HIS A 137 0.19 21.61 -0.28
C HIS A 137 1.26 20.99 0.60
N GLY A 138 2.09 21.86 1.17
CA GLY A 138 3.17 21.41 2.01
C GLY A 138 2.67 20.73 3.25
N ASN A 139 1.50 21.13 3.72
CA ASN A 139 0.95 20.51 4.92
C ASN A 139 0.67 19.03 4.74
N ALA A 140 0.58 18.58 3.49
CA ALA A 140 0.30 17.17 3.19
C ALA A 140 1.48 16.26 3.43
N VAL A 141 2.67 16.84 3.47
CA VAL A 141 3.90 16.05 3.44
C VAL A 141 4.30 15.52 4.78
N GLY A 142 4.33 14.19 4.91
CA GLY A 142 4.82 13.56 6.13
C GLY A 142 6.32 13.34 5.99
N VAL A 143 7.02 13.20 7.11
CA VAL A 143 8.49 13.04 7.03
C VAL A 143 8.77 11.70 6.36
N PRO A 144 9.40 11.69 5.18
CA PRO A 144 9.63 10.43 4.46
C PRO A 144 10.50 9.46 5.23
N GLY A 145 10.10 8.19 5.27
CA GLY A 145 10.81 7.21 6.06
C GLY A 145 11.42 6.06 5.27
N THR A 146 11.16 5.99 3.97
CA THR A 146 11.57 4.80 3.24
C THR A 146 13.06 4.50 3.38
N LEU A 147 13.94 5.48 3.23
CA LEU A 147 15.37 5.23 3.36
C LEU A 147 15.77 4.65 4.73
N LYS A 148 15.20 5.23 5.79
CA LYS A 148 15.49 4.73 7.14
C LYS A 148 15.01 3.26 7.25
N GLY A 149 13.87 2.95 6.62
CA GLY A 149 13.36 1.60 6.65
C GLY A 149 14.28 0.63 5.93
N LEU A 150 14.89 1.07 4.83
CA LEU A 150 15.78 0.19 4.08
C LEU A 150 17.01 -0.13 4.94
N GLU A 151 17.51 0.89 5.64
CA GLU A 151 18.67 0.68 6.50
C GLU A 151 18.33 -0.25 7.64
N ALA A 152 17.16 -0.07 8.24
CA ALA A 152 16.67 -1.01 9.27
C ALA A 152 16.67 -2.47 8.78
N ALA A 153 16.06 -2.67 7.62
CA ALA A 153 15.95 -4.00 7.07
C ALA A 153 17.32 -4.62 6.79
N HIS A 154 18.22 -3.81 6.26
CA HIS A 154 19.56 -4.23 5.87
C HIS A 154 20.41 -3.97 7.09
N LYS A 155 21.08 -4.99 7.60
CA LYS A 155 21.65 -4.93 8.96
C LYS A 155 20.92 -5.91 9.84
N LYS A 156 19.58 -5.89 9.77
CA LYS A 156 18.78 -6.95 10.43
C LYS A 156 19.01 -8.23 9.65
N TRP A 157 18.61 -8.19 8.36
CA TRP A 157 18.80 -9.33 7.45
C TRP A 157 19.69 -9.07 6.23
N GLY A 158 20.33 -7.90 6.18
CA GLY A 158 21.24 -7.58 5.05
C GLY A 158 22.48 -8.44 4.95
N THR A 159 22.88 -8.82 3.75
CA THR A 159 24.07 -9.61 3.55
C THR A 159 24.57 -9.17 2.21
N LYS A 160 24.65 -7.86 2.00
CA LYS A 160 25.22 -7.34 0.75
C LYS A 160 25.48 -5.86 0.90
N LYS A 161 26.29 -5.30 0.01
CA LYS A 161 26.28 -3.86 -0.25
C LYS A 161 27.10 -3.09 0.83
N MET A 162 26.75 -1.86 1.25
CA MET A 162 25.65 -1.02 0.72
C MET A 162 26.14 0.03 -0.33
N GLU A 163 26.81 -0.47 -1.36
CA GLU A 163 27.01 0.25 -2.63
C GLU A 163 26.34 -0.52 -3.81
N ASP A 164 26.31 -1.84 -3.73
CA ASP A 164 25.72 -2.68 -4.76
C ASP A 164 24.23 -2.49 -5.12
N LEU A 165 23.31 -2.43 -4.16
CA LEU A 165 21.86 -2.49 -4.44
C LEU A 165 21.22 -1.20 -4.93
N ILE A 166 21.93 -0.08 -4.88
CA ILE A 166 21.42 1.18 -5.44
C ILE A 166 22.10 1.53 -6.76
N SER A 167 23.30 1.00 -7.01
CA SER A 167 24.00 1.22 -8.27
C SER A 167 23.20 0.92 -9.55
N PRO A 168 22.43 -0.16 -9.59
CA PRO A 168 21.76 -0.38 -10.88
C PRO A 168 20.63 0.64 -11.13
N SER A 169 20.08 1.17 -10.03
CA SER A 169 19.10 2.24 -10.07
C SER A 169 19.75 3.53 -10.52
N ILE A 170 20.99 3.74 -10.10
CA ILE A 170 21.78 4.92 -10.51
C ILE A 170 21.99 4.92 -12.03
N LYS A 171 22.25 3.74 -12.58
CA LYS A 171 22.36 3.61 -14.04
C LYS A 171 21.06 3.95 -14.76
N LEU A 172 19.93 3.54 -14.22
CA LEU A 172 18.65 3.80 -14.87
C LEU A 172 18.30 5.28 -14.79
N THR A 173 18.59 5.90 -13.65
CA THR A 173 18.36 7.35 -13.46
C THR A 173 19.30 8.19 -14.31
N GLU A 174 20.54 7.76 -14.43
CA GLU A 174 21.54 8.52 -15.13
C GLU A 174 21.45 8.34 -16.65
N GLU A 175 21.47 7.10 -17.11
CA GLU A 175 21.42 6.80 -18.53
C GLU A 175 19.97 6.68 -19.06
N GLY A 176 18.98 6.68 -18.17
CA GLY A 176 17.57 6.58 -18.54
C GLY A 176 17.06 5.21 -18.93
N PHE A 177 15.75 5.14 -19.18
CA PHE A 177 15.07 3.94 -19.64
C PHE A 177 13.78 4.35 -20.36
N PRO A 178 13.21 3.46 -21.19
CA PRO A 178 11.91 3.79 -21.80
C PRO A 178 10.75 3.62 -20.82
N ILE A 179 9.81 4.56 -20.84
CA ILE A 179 8.69 4.53 -19.91
C ILE A 179 7.59 3.64 -20.43
N ASP A 180 7.00 2.89 -19.49
CA ASP A 180 5.82 2.05 -19.74
C ASP A 180 4.52 2.86 -19.78
N SER A 181 3.45 2.18 -20.18
CA SER A 181 2.14 2.79 -20.37
C SER A 181 1.62 3.40 -19.11
N VAL A 182 1.77 2.67 -18.01
CA VAL A 182 1.26 3.10 -16.71
C VAL A 182 1.87 4.44 -16.29
N LEU A 183 3.20 4.54 -16.37
CA LEU A 183 3.90 5.78 -16.15
C LEU A 183 3.53 6.87 -17.16
N ALA A 184 3.50 6.53 -18.45
CA ALA A 184 3.11 7.46 -19.49
C ALA A 184 1.77 8.10 -19.15
N ASP A 185 0.79 7.26 -18.81
CA ASP A 185 -0.56 7.72 -18.48
C ASP A 185 -0.58 8.58 -17.23
N ALA A 186 0.06 8.11 -16.16
CA ALA A 186 0.17 8.90 -14.95
C ALA A 186 0.63 10.31 -15.33
N ILE A 187 1.66 10.43 -16.18
CA ILE A 187 2.22 11.77 -16.40
C ILE A 187 1.23 12.58 -17.19
N LYS A 188 0.56 11.97 -18.15
CA LYS A 188 -0.53 12.65 -18.89
C LYS A 188 -1.71 13.07 -17.99
N ASP A 189 -2.20 12.11 -17.19
CA ASP A 189 -3.34 12.31 -16.32
C ASP A 189 -3.03 13.34 -15.23
N HIS A 190 -1.77 13.50 -14.82
CA HIS A 190 -1.44 14.53 -13.83
C HIS A 190 -0.52 15.62 -14.35
N GLN A 191 -0.77 16.11 -15.57
CA GLN A 191 -0.01 17.24 -16.13
C GLN A 191 -0.02 18.47 -15.20
N ASP A 192 -1.21 18.80 -14.75
CA ASP A 192 -1.43 20.05 -14.08
C ASP A 192 -0.75 20.08 -12.70
N LYS A 193 -0.79 18.98 -11.95
CA LYS A 193 -0.09 18.91 -10.66
C LYS A 193 1.42 19.04 -10.86
N LEU A 194 1.91 18.29 -11.83
CA LEU A 194 3.33 18.27 -12.13
C LEU A 194 3.86 19.57 -12.73
N SER A 195 3.03 20.26 -13.51
CA SER A 195 3.33 21.58 -14.10
C SER A 195 3.73 22.65 -13.11
N LYS A 196 3.18 22.56 -11.91
CA LYS A 196 3.36 23.63 -10.92
C LYS A 196 4.63 23.50 -10.10
N THR A 197 5.39 22.42 -10.30
CA THR A 197 6.53 22.06 -9.46
C THR A 197 7.74 21.94 -10.34
N ALA A 198 8.87 21.77 -9.67
CA ALA A 198 10.12 21.47 -10.35
C ALA A 198 10.04 20.24 -11.23
N ALA A 199 8.98 19.47 -11.10
CA ALA A 199 8.86 18.25 -11.90
C ALA A 199 8.69 18.58 -13.36
N LYS A 200 8.11 19.73 -13.67
CA LYS A 200 7.69 19.99 -15.06
C LYS A 200 8.89 20.01 -16.02
N ASP A 201 10.04 20.46 -15.52
CA ASP A 201 11.25 20.57 -16.32
C ASP A 201 11.49 19.20 -16.98
N ILE A 202 11.40 18.14 -16.18
CA ILE A 202 11.83 16.84 -16.68
C ILE A 202 10.71 15.85 -17.06
N PHE A 203 9.53 15.88 -16.44
CA PHE A 203 8.41 15.07 -16.92
C PHE A 203 7.53 15.75 -17.96
N LEU A 204 7.63 17.07 -18.07
CA LEU A 204 6.87 17.83 -19.07
C LEU A 204 7.88 18.61 -19.89
N PRO A 205 8.71 17.89 -20.67
CA PRO A 205 9.90 18.48 -21.35
C PRO A 205 9.65 19.88 -21.95
N ASP A 206 8.64 20.04 -22.78
CA ASP A 206 8.24 21.37 -23.18
C ASP A 206 6.86 21.49 -22.59
N GLY A 207 5.82 21.48 -23.41
CA GLY A 207 4.47 21.65 -22.91
C GLY A 207 3.72 20.34 -22.85
N GLU A 208 4.25 19.33 -23.54
CA GLU A 208 3.72 17.97 -23.47
C GLU A 208 4.45 17.04 -22.48
N PRO A 209 3.79 15.92 -22.09
CA PRO A 209 4.31 14.87 -21.24
C PRO A 209 4.84 13.71 -22.07
N LEU A 210 5.92 13.10 -21.60
CA LEU A 210 6.52 11.96 -22.28
C LEU A 210 5.48 10.88 -22.60
N LYS A 211 5.59 10.31 -23.78
CA LYS A 211 4.73 9.21 -24.23
C LYS A 211 5.39 7.87 -23.98
N GLU A 212 4.59 6.82 -23.99
CA GLU A 212 5.11 5.47 -23.90
C GLU A 212 6.34 5.36 -24.79
N GLY A 213 7.40 4.79 -24.27
CA GLY A 213 8.59 4.57 -25.09
C GLY A 213 9.64 5.66 -25.08
N ASP A 214 9.26 6.89 -24.74
CA ASP A 214 10.22 7.98 -24.56
C ASP A 214 11.20 7.60 -23.48
N ILE A 215 12.41 8.12 -23.57
CA ILE A 215 13.45 7.77 -22.61
C ILE A 215 13.37 8.77 -21.46
N LEU A 216 13.26 8.27 -20.23
CA LEU A 216 13.21 9.14 -19.09
C LEU A 216 14.56 9.15 -18.42
N VAL A 217 15.18 10.33 -18.39
CA VAL A 217 16.45 10.53 -17.69
C VAL A 217 16.21 11.38 -16.47
N GLN A 218 16.72 10.93 -15.33
CA GLN A 218 16.61 11.69 -14.08
C GLN A 218 18.00 11.95 -13.56
N LYS A 219 18.72 12.83 -14.23
CA LYS A 219 20.08 13.20 -13.81
C LYS A 219 20.19 13.63 -12.34
N ASP A 220 19.26 14.47 -11.92
CA ASP A 220 19.32 15.00 -10.56
C ASP A 220 19.03 13.89 -9.55
N MET A 221 18.05 13.03 -9.86
CA MET A 221 17.74 11.90 -8.98
C MET A 221 18.96 11.00 -8.88
N ALA A 222 19.66 10.79 -9.99
CA ALA A 222 20.88 9.97 -9.96
C ALA A 222 21.89 10.62 -9.02
N LYS A 223 21.97 11.95 -9.05
CA LYS A 223 22.89 12.69 -8.18
C LYS A 223 22.63 12.35 -6.73
N THR A 224 21.36 12.45 -6.39
CA THR A 224 20.93 12.16 -5.04
C THR A 224 21.22 10.71 -4.69
N PHE A 225 20.94 9.78 -5.59
CA PHE A 225 21.16 8.37 -5.32
C PHE A 225 22.63 8.05 -5.10
N LYS A 226 23.49 8.66 -5.90
CA LYS A 226 24.94 8.48 -5.71
C LYS A 226 25.35 8.98 -4.30
N LEU A 227 24.74 10.08 -3.92
CA LEU A 227 25.04 10.70 -2.66
C LEU A 227 24.51 9.84 -1.50
N ILE A 228 23.39 9.17 -1.70
CA ILE A 228 22.85 8.26 -0.72
C ILE A 228 23.87 7.15 -0.46
N ARG A 229 24.43 6.61 -1.54
CA ARG A 229 25.37 5.51 -1.34
C ARG A 229 26.61 5.97 -0.56
N LYS A 230 27.12 7.19 -0.83
CA LYS A 230 28.45 7.60 -0.35
C LYS A 230 28.54 8.01 1.12
N GLU A 231 27.70 8.96 1.53
CA GLU A 231 27.73 9.44 2.92
C GLU A 231 26.64 8.74 3.76
N GLY A 232 26.02 7.73 3.18
CA GLY A 232 25.03 6.94 3.90
C GLY A 232 23.70 7.65 3.82
N SER A 233 22.84 7.36 4.79
CA SER A 233 21.51 7.92 4.81
C SER A 233 21.50 9.37 5.23
N LYS A 234 22.53 9.79 5.96
CA LYS A 234 22.34 11.02 6.72
C LYS A 234 22.51 12.24 5.84
N ALA A 235 22.80 12.03 4.56
CA ALA A 235 22.58 13.05 3.54
C ALA A 235 21.14 13.57 3.63
N PHE A 236 20.26 12.68 4.08
CA PHE A 236 18.84 12.82 3.94
C PHE A 236 18.23 13.31 5.23
N TYR A 237 18.65 12.72 6.34
CA TYR A 237 18.10 13.13 7.65
C TYR A 237 18.94 14.20 8.31
N ASP A 238 20.11 14.47 7.72
CA ASP A 238 21.10 15.42 8.23
C ASP A 238 21.99 15.98 7.14
N GLY A 239 21.47 16.21 5.95
CA GLY A 239 22.32 16.69 4.89
C GLY A 239 21.66 17.76 4.05
N GLU A 240 22.32 18.06 2.95
CA GLU A 240 21.72 18.84 1.87
C GLU A 240 20.26 18.45 1.68
N ILE A 241 20.04 17.15 1.55
CA ILE A 241 18.75 16.65 1.12
C ILE A 241 17.69 17.01 2.13
N GLY A 242 17.95 16.69 3.38
CA GLY A 242 17.01 16.98 4.46
C GLY A 242 16.66 18.45 4.48
N ARG A 243 17.70 19.27 4.42
CA ARG A 243 17.56 20.71 4.42
C ARG A 243 16.78 21.18 3.20
N ALA A 244 17.18 20.68 2.04
CA ALA A 244 16.50 21.01 0.78
C ALA A 244 15.01 20.68 0.81
N ILE A 245 14.62 19.56 1.43
CA ILE A 245 13.20 19.24 1.56
C ILE A 245 12.53 20.25 2.47
N ALA A 246 13.16 20.57 3.61
CA ALA A 246 12.62 21.56 4.53
C ALA A 246 12.33 22.87 3.78
N ASP A 247 13.27 23.29 2.93
CA ASP A 247 13.03 24.45 2.05
C ASP A 247 11.71 24.36 1.28
N VAL A 248 11.54 23.27 0.52
CA VAL A 248 10.40 23.18 -0.39
C VAL A 248 9.08 23.00 0.33
N VAL A 249 9.06 22.23 1.41
CA VAL A 249 7.81 22.03 2.11
C VAL A 249 7.33 23.41 2.53
N GLN A 250 8.25 24.25 3.04
CA GLN A 250 7.86 25.59 3.46
C GLN A 250 7.50 26.46 2.25
N ASP A 251 8.24 26.36 1.17
CA ASP A 251 7.91 27.14 -0.01
C ASP A 251 6.48 26.83 -0.48
N PHE A 252 5.96 25.64 -0.21
CA PHE A 252 4.61 25.29 -0.60
C PHE A 252 3.62 25.37 0.55
N GLY A 253 4.00 26.03 1.63
CA GLY A 253 3.07 26.30 2.73
C GLY A 253 3.24 25.44 3.96
N GLY A 254 3.99 24.34 3.81
CA GLY A 254 4.12 23.33 4.86
C GLY A 254 5.03 23.76 5.99
N SER A 255 5.04 22.96 7.05
CA SER A 255 5.67 23.34 8.31
C SER A 255 6.92 22.48 8.63
N MET A 256 7.55 21.91 7.61
CA MET A 256 8.65 20.97 7.87
C MET A 256 10.00 21.66 8.01
N THR A 257 10.69 21.31 9.09
CA THR A 257 12.01 21.82 9.40
C THR A 257 13.04 20.71 9.26
N PRO A 258 14.31 21.09 9.16
CA PRO A 258 15.34 20.08 9.15
C PRO A 258 15.37 19.31 10.46
N ASP A 259 15.01 19.95 11.55
CA ASP A 259 14.92 19.29 12.83
C ASP A 259 14.04 18.03 12.75
N ASP A 260 12.88 18.22 12.12
CA ASP A 260 11.87 17.15 12.02
C ASP A 260 12.49 15.93 11.34
N LEU A 261 13.23 16.19 10.27
CA LEU A 261 13.87 15.16 9.46
C LEU A 261 14.95 14.46 10.25
N SER A 262 15.71 15.22 11.01
CA SER A 262 16.77 14.63 11.81
C SER A 262 16.21 13.70 12.89
N ARG A 263 15.03 14.07 13.39
CA ARG A 263 14.34 13.31 14.44
C ARG A 263 13.77 11.94 13.95
N TYR A 264 13.44 11.84 12.66
CA TYR A 264 12.70 10.68 12.19
C TYR A 264 13.42 9.33 12.31
N GLU A 265 12.65 8.33 12.70
CA GLU A 265 13.12 6.97 12.94
C GLU A 265 12.01 6.02 12.55
N VAL A 266 12.32 4.91 11.89
CA VAL A 266 11.26 3.93 11.59
C VAL A 266 10.91 3.20 12.88
N THR A 267 9.91 2.34 12.81
CA THR A 267 9.59 1.51 13.94
C THR A 267 9.43 0.04 13.49
N THR A 268 9.65 -0.91 14.39
CA THR A 268 9.35 -2.34 14.07
C THR A 268 7.95 -2.74 14.60
N ASP A 269 7.14 -3.37 13.78
CA ASP A 269 5.87 -3.88 14.30
C ASP A 269 5.86 -5.39 14.20
N LYS A 270 5.25 -6.04 15.18
CA LYS A 270 4.86 -7.43 15.07
C LYS A 270 3.47 -7.45 14.35
N PRO A 271 3.23 -8.42 13.45
CA PRO A 271 1.98 -8.49 12.70
C PRO A 271 0.72 -8.60 13.53
N ILE A 272 -0.44 -8.25 12.95
CA ILE A 272 -1.73 -8.68 13.52
C ILE A 272 -2.01 -10.03 12.88
N TRP A 273 -2.44 -10.99 13.67
CA TRP A 273 -2.68 -12.34 13.17
C TRP A 273 -4.16 -12.70 13.09
N GLY A 274 -4.47 -13.64 12.21
CA GLY A 274 -5.80 -14.18 12.15
C GLY A 274 -5.72 -15.60 11.68
N GLU A 275 -6.73 -16.39 12.01
CA GLU A 275 -6.87 -17.67 11.33
C GLU A 275 -8.07 -17.60 10.38
N TYR A 276 -7.86 -18.13 9.18
CA TYR A 276 -8.93 -18.23 8.23
C TYR A 276 -8.85 -19.51 7.40
N HIS A 277 -9.95 -20.26 7.39
CA HIS A 277 -10.09 -21.45 6.57
C HIS A 277 -8.98 -22.44 6.84
N GLY A 278 -8.56 -22.52 8.09
CA GLY A 278 -7.43 -23.36 8.47
C GLY A 278 -6.03 -22.89 8.04
N TYR A 279 -5.89 -21.63 7.65
CA TYR A 279 -4.57 -21.04 7.44
C TYR A 279 -4.34 -20.01 8.53
N ASP A 280 -3.11 -19.50 8.60
CA ASP A 280 -2.74 -18.50 9.58
C ASP A 280 -2.22 -17.22 8.90
N ILE A 281 -2.87 -16.10 9.19
CA ILE A 281 -2.65 -14.88 8.40
C ILE A 281 -1.89 -13.84 9.19
N ALA A 282 -0.82 -13.31 8.63
CA ALA A 282 -0.13 -12.20 9.23
C ALA A 282 -0.40 -10.98 8.36
N SER A 283 -0.94 -9.94 8.98
CA SER A 283 -1.19 -8.73 8.24
C SER A 283 -0.69 -7.50 9.03
N MET A 284 -0.89 -6.32 8.43
CA MET A 284 -0.53 -5.06 9.06
C MET A 284 -1.47 -4.56 10.17
N PRO A 285 -0.92 -4.28 11.37
CA PRO A 285 -1.75 -3.70 12.41
C PRO A 285 -1.83 -2.17 12.26
N PRO A 286 -2.50 -1.49 13.19
CA PRO A 286 -2.42 -0.05 13.19
C PRO A 286 -0.95 0.35 13.25
N PRO A 287 -0.61 1.51 12.71
CA PRO A 287 -1.41 2.58 12.15
C PRO A 287 -1.97 2.29 10.73
N SER A 288 -2.02 1.03 10.29
CA SER A 288 -2.78 0.70 9.11
C SER A 288 -4.12 0.12 9.52
N SER A 289 -5.13 0.39 8.71
CA SER A 289 -6.48 -0.12 8.86
C SER A 289 -6.59 -1.44 8.12
N GLY A 290 -5.62 -1.67 7.26
CA GLY A 290 -5.63 -2.83 6.39
C GLY A 290 -5.79 -4.21 7.05
N GLY A 291 -4.93 -4.50 8.02
CA GLY A 291 -4.88 -5.83 8.62
C GLY A 291 -6.18 -6.15 9.32
N VAL A 292 -6.61 -5.27 10.21
CA VAL A 292 -7.79 -5.57 11.00
C VAL A 292 -8.98 -5.80 10.11
N PHE A 293 -9.21 -4.89 9.19
CA PHE A 293 -10.48 -4.96 8.53
C PHE A 293 -10.52 -5.95 7.43
N MET A 294 -9.37 -6.31 6.86
CA MET A 294 -9.34 -7.38 5.89
C MET A 294 -9.63 -8.66 6.66
N LEU A 295 -9.08 -8.81 7.85
CA LEU A 295 -9.39 -10.04 8.61
C LEU A 295 -10.83 -10.05 9.03
N GLN A 296 -11.33 -8.90 9.45
CA GLN A 296 -12.73 -8.82 9.85
C GLN A 296 -13.64 -9.13 8.68
N MET A 297 -13.22 -8.73 7.48
CA MET A 297 -13.99 -8.92 6.27
C MET A 297 -14.11 -10.43 6.02
N LEU A 298 -12.99 -11.12 6.12
CA LEU A 298 -12.97 -12.57 6.05
C LEU A 298 -13.82 -13.22 7.15
N LYS A 299 -13.71 -12.75 8.38
CA LYS A 299 -14.43 -13.34 9.50
C LYS A 299 -15.93 -13.22 9.27
N LEU A 300 -16.34 -12.05 8.81
CA LEU A 300 -17.74 -11.80 8.51
C LEU A 300 -18.19 -12.73 7.39
N ILE A 301 -17.39 -12.83 6.33
CA ILE A 301 -17.89 -13.56 5.19
C ILE A 301 -17.73 -15.06 5.31
N ASP A 302 -17.02 -15.52 6.33
CA ASP A 302 -16.62 -16.94 6.36
C ASP A 302 -17.79 -17.82 6.57
N ASP A 303 -18.66 -17.39 7.47
CA ASP A 303 -19.80 -18.20 7.87
C ASP A 303 -20.79 -18.38 6.70
N PHE A 304 -20.68 -17.55 5.67
CA PHE A 304 -21.60 -17.60 4.53
C PHE A 304 -21.27 -18.65 3.46
N HIS A 305 -20.22 -19.42 3.68
CA HIS A 305 -19.76 -20.41 2.73
C HIS A 305 -19.94 -19.94 1.29
N LEU A 306 -19.32 -18.79 1.02
CA LEU A 306 -19.44 -18.15 -0.29
C LEU A 306 -19.31 -19.03 -1.54
N SER A 307 -18.38 -20.00 -1.58
CA SER A 307 -18.14 -20.80 -2.80
C SER A 307 -19.32 -21.65 -3.25
N GLN A 308 -20.38 -21.74 -2.43
CA GLN A 308 -21.67 -22.26 -2.91
C GLN A 308 -22.18 -21.47 -4.11
N TYR A 309 -21.98 -20.15 -4.14
CA TYR A 309 -22.47 -19.32 -5.24
C TYR A 309 -21.42 -19.12 -6.33
N ASP A 310 -21.88 -18.99 -7.58
CA ASP A 310 -21.02 -18.75 -8.72
C ASP A 310 -20.21 -17.48 -8.46
N PRO A 311 -18.95 -17.44 -8.92
CA PRO A 311 -18.16 -16.25 -8.63
C PRO A 311 -18.67 -14.97 -9.32
N LYS A 312 -19.44 -15.09 -10.39
CA LYS A 312 -19.94 -13.88 -11.00
C LYS A 312 -21.46 -13.80 -10.85
N SER A 313 -21.92 -14.04 -9.63
CA SER A 313 -23.34 -14.11 -9.30
C SER A 313 -23.72 -12.99 -8.39
N PHE A 314 -24.96 -12.53 -8.51
CA PHE A 314 -25.58 -11.59 -7.59
C PHE A 314 -25.22 -11.90 -6.13
N GLU A 315 -25.26 -13.18 -5.78
CA GLU A 315 -25.11 -13.54 -4.38
C GLU A 315 -23.77 -13.06 -3.82
N LYS A 316 -22.72 -13.37 -4.57
CA LYS A 316 -21.37 -13.11 -4.10
C LYS A 316 -21.25 -11.60 -3.93
N TYR A 317 -21.59 -10.90 -5.00
CA TYR A 317 -21.43 -9.47 -5.00
C TYR A 317 -22.17 -8.82 -3.84
N HIS A 318 -23.35 -9.33 -3.51
CA HIS A 318 -24.18 -8.67 -2.54
C HIS A 318 -23.62 -8.87 -1.14
N LEU A 319 -23.27 -10.11 -0.83
CA LEU A 319 -22.64 -10.40 0.47
C LEU A 319 -21.25 -9.68 0.64
N LEU A 320 -20.49 -9.55 -0.46
CA LEU A 320 -19.24 -8.79 -0.42
C LEU A 320 -19.52 -7.31 -0.11
N ALA A 321 -20.43 -6.73 -0.88
CA ALA A 321 -20.82 -5.35 -0.72
C ALA A 321 -21.27 -4.98 0.71
N GLU A 322 -22.14 -5.83 1.25
CA GLU A 322 -22.71 -5.64 2.59
C GLU A 322 -21.62 -5.75 3.63
N THR A 323 -20.70 -6.66 3.40
CA THR A 323 -19.62 -6.92 4.33
C THR A 323 -18.67 -5.73 4.33
N MET A 324 -18.38 -5.22 3.14
CA MET A 324 -17.46 -4.09 3.03
C MET A 324 -18.05 -2.89 3.78
N HIS A 325 -19.35 -2.68 3.63
CA HIS A 325 -19.97 -1.56 4.29
C HIS A 325 -19.75 -1.55 5.80
N LEU A 326 -19.86 -2.72 6.40
CA LEU A 326 -19.68 -2.87 7.83
C LEU A 326 -18.24 -2.59 8.26
N SER A 327 -17.31 -3.24 7.58
CA SER A 327 -15.90 -3.09 7.93
C SER A 327 -15.42 -1.67 7.71
N TYR A 328 -15.79 -1.08 6.59
CA TYR A 328 -15.35 0.28 6.30
C TYR A 328 -15.95 1.30 7.26
N ALA A 329 -17.13 1.02 7.78
CA ALA A 329 -17.73 1.90 8.77
C ALA A 329 -16.91 1.83 10.04
N ASP A 330 -16.50 0.61 10.42
CA ASP A 330 -15.70 0.43 11.62
C ASP A 330 -14.38 1.20 11.44
N ARG A 331 -13.81 1.12 10.25
CA ARG A 331 -12.52 1.76 10.03
C ARG A 331 -12.63 3.26 10.21
N ALA A 332 -13.71 3.84 9.71
CA ALA A 332 -13.84 5.29 9.75
C ALA A 332 -14.05 5.81 11.15
N ALA A 333 -14.54 4.96 12.05
CA ALA A 333 -14.76 5.36 13.43
C ALA A 333 -13.62 5.02 14.41
N TYR A 334 -12.87 3.95 14.15
CA TYR A 334 -11.93 3.41 15.13
C TYR A 334 -10.45 3.30 14.79
N ALA A 335 -10.05 3.69 13.59
CA ALA A 335 -8.69 3.43 13.13
C ALA A 335 -7.77 4.66 13.18
N GLY A 336 -6.59 4.51 13.80
CA GLY A 336 -5.58 5.56 13.82
C GLY A 336 -4.30 5.08 14.47
N ASP A 337 -3.24 5.87 14.40
CA ASP A 337 -1.95 5.49 14.94
C ASP A 337 -2.08 5.14 16.43
N PRO A 338 -1.83 3.86 16.81
CA PRO A 338 -2.12 3.41 18.20
C PRO A 338 -1.27 4.07 19.29
N GLU A 339 -0.12 4.63 18.93
CA GLU A 339 0.68 5.43 19.85
C GLU A 339 -0.10 6.63 20.34
N PHE A 340 -1.10 7.04 19.55
CA PHE A 340 -1.98 8.15 19.92
C PHE A 340 -3.41 7.77 20.25
N VAL A 341 -3.91 6.64 19.75
CA VAL A 341 -5.29 6.27 19.99
C VAL A 341 -5.43 4.82 20.41
N ASP A 342 -6.64 4.44 20.78
CA ASP A 342 -6.95 3.05 21.10
C ASP A 342 -7.81 2.46 20.02
N VAL A 343 -7.29 1.45 19.35
CA VAL A 343 -8.08 0.69 18.41
C VAL A 343 -8.47 -0.58 19.14
N PRO A 344 -9.76 -0.92 19.18
CA PRO A 344 -10.19 -2.20 19.73
C PRO A 344 -9.93 -3.34 18.75
N LEU A 345 -8.67 -3.74 18.65
CA LEU A 345 -8.34 -4.93 17.86
C LEU A 345 -9.08 -6.18 18.35
N ARG A 346 -9.12 -6.37 19.67
CA ARG A 346 -9.76 -7.56 20.24
C ARG A 346 -11.22 -7.53 19.93
N GLY A 347 -11.82 -6.36 20.12
CA GLY A 347 -13.26 -6.20 19.99
C GLY A 347 -13.75 -6.33 18.56
N LEU A 348 -12.97 -5.75 17.63
CA LEU A 348 -13.33 -5.73 16.22
C LEU A 348 -13.36 -7.12 15.60
N LEU A 349 -12.68 -8.07 16.26
CA LEU A 349 -12.65 -9.45 15.77
C LEU A 349 -13.29 -10.43 16.74
N ASP A 350 -13.88 -9.94 17.82
CA ASP A 350 -14.48 -10.84 18.80
C ASP A 350 -15.50 -11.75 18.14
N PRO A 351 -15.42 -13.05 18.46
CA PRO A 351 -16.40 -14.00 17.90
C PRO A 351 -17.86 -13.59 18.05
N ASP A 352 -18.19 -13.04 19.22
CA ASP A 352 -19.54 -12.55 19.48
C ASP A 352 -19.85 -11.23 18.82
N TYR A 353 -18.84 -10.41 18.57
CA TYR A 353 -19.02 -9.17 17.83
C TYR A 353 -19.35 -9.50 16.41
N ILE A 354 -18.52 -10.35 15.82
CA ILE A 354 -18.73 -10.78 14.45
C ILE A 354 -20.16 -11.29 14.24
N LYS A 355 -20.62 -12.08 15.21
CA LYS A 355 -21.96 -12.67 15.13
C LYS A 355 -23.01 -11.56 15.14
N GLU A 356 -22.77 -10.55 15.98
CA GLU A 356 -23.71 -9.42 16.08
C GLU A 356 -23.82 -8.72 14.72
N ARG A 357 -22.67 -8.49 14.12
CA ARG A 357 -22.64 -7.70 12.91
C ARG A 357 -23.15 -8.50 11.73
N GLN A 358 -22.87 -9.80 11.75
CA GLN A 358 -23.30 -10.68 10.69
C GLN A 358 -24.81 -10.72 10.64
N LYS A 359 -25.49 -10.40 11.76
CA LYS A 359 -26.96 -10.21 11.76
C LYS A 359 -27.40 -9.27 10.62
N LEU A 360 -26.63 -8.19 10.43
CA LEU A 360 -26.88 -7.12 9.46
C LEU A 360 -26.60 -7.46 8.01
N ILE A 361 -26.17 -8.69 7.75
CA ILE A 361 -25.87 -9.16 6.40
C ILE A 361 -26.77 -10.34 5.96
N SER A 362 -27.70 -10.06 5.06
CA SER A 362 -28.63 -11.05 4.56
C SER A 362 -28.63 -11.06 3.05
N LEU A 363 -29.16 -12.14 2.49
CA LEU A 363 -29.42 -12.20 1.05
C LEU A 363 -30.77 -11.60 0.75
N ASP A 364 -31.58 -11.35 1.77
CA ASP A 364 -32.99 -10.95 1.55
C ASP A 364 -33.20 -9.47 1.78
N SER A 365 -32.25 -8.67 1.30
CA SER A 365 -32.29 -7.22 1.31
C SER A 365 -30.93 -6.65 1.67
N MET A 366 -30.78 -5.37 1.33
CA MET A 366 -29.54 -4.62 1.54
C MET A 366 -29.69 -3.72 2.74
N ASN A 367 -28.74 -3.80 3.67
CA ASN A 367 -28.84 -3.01 4.85
C ASN A 367 -28.57 -1.56 4.48
N ARG A 368 -29.52 -0.69 4.88
CA ARG A 368 -29.41 0.77 4.72
C ARG A 368 -28.97 1.49 6.00
N ASP A 369 -28.76 0.76 7.09
CA ASP A 369 -28.47 1.38 8.36
C ASP A 369 -26.97 1.24 8.65
N VAL A 370 -26.11 1.72 7.76
CA VAL A 370 -24.68 1.36 7.80
C VAL A 370 -23.79 2.16 8.76
N LYS A 371 -24.02 2.02 10.07
CA LYS A 371 -23.21 2.71 11.06
C LYS A 371 -22.09 1.77 11.50
N GLU A 372 -21.20 2.35 12.29
CA GLU A 372 -20.16 1.58 12.93
C GLU A 372 -20.85 0.65 13.94
N GLY A 373 -20.18 -0.46 14.24
CA GLY A 373 -20.61 -1.36 15.32
C GLY A 373 -20.15 -0.83 16.67
N ASP A 374 -20.49 -1.52 17.74
CA ASP A 374 -19.90 -1.21 19.07
C ASP A 374 -18.97 -2.34 19.53
N PRO A 375 -17.73 -2.37 19.02
CA PRO A 375 -16.75 -3.39 19.37
C PRO A 375 -16.22 -3.18 20.77
N TRP A 376 -16.53 -2.01 21.33
CA TRP A 376 -16.10 -1.67 22.67
C TRP A 376 -16.82 -2.50 23.72
N LYS A 377 -17.97 -3.04 23.37
CA LYS A 377 -18.74 -3.84 24.27
C LYS A 377 -18.02 -5.15 24.54
N TYR A 378 -16.95 -5.43 23.79
CA TYR A 378 -16.28 -6.74 23.80
C TYR A 378 -14.80 -6.64 24.14
N GLU A 379 -14.28 -5.42 24.18
CA GLU A 379 -12.93 -5.15 24.66
C GLU A 379 -12.96 -4.21 25.85
N GLU A 380 -11.98 -4.35 26.75
CA GLU A 380 -11.97 -3.53 27.94
C GLU A 380 -11.36 -2.17 27.62
N GLY A 381 -12.13 -1.11 27.86
CA GLY A 381 -11.70 0.24 27.58
C GLY A 381 -12.84 1.20 27.21
N GLU A 382 -12.44 2.39 26.77
CA GLU A 382 -13.35 3.38 26.21
C GLU A 382 -12.56 4.14 25.13
N PRO A 383 -13.26 4.64 24.08
CA PRO A 383 -12.58 5.47 23.07
C PRO A 383 -12.03 6.74 23.70
N ASN A 384 -10.88 7.20 23.24
CA ASN A 384 -10.24 8.41 23.70
C ASN A 384 -10.33 9.40 22.57
N TYR A 385 -11.49 9.45 21.94
CA TYR A 385 -11.73 10.18 20.70
C TYR A 385 -13.21 10.07 20.36
N GLU A 386 -13.69 10.82 19.38
CA GLU A 386 -15.08 10.70 18.96
C GLU A 386 -15.22 10.01 17.59
N ILE A 387 -16.43 9.96 17.08
CA ILE A 387 -16.66 9.42 15.76
C ILE A 387 -17.09 10.62 14.92
N VAL A 388 -16.17 11.06 14.04
CA VAL A 388 -16.37 12.27 13.21
C VAL A 388 -16.50 11.91 11.72
N PRO A 389 -17.65 12.24 11.12
CA PRO A 389 -17.83 12.12 9.70
C PRO A 389 -16.79 12.89 8.91
N GLN A 390 -16.41 12.34 7.77
CA GLN A 390 -15.57 13.02 6.80
C GLN A 390 -16.30 13.03 5.45
N PRO A 391 -15.84 13.84 4.47
CA PRO A 391 -16.41 13.77 3.11
C PRO A 391 -15.58 12.93 2.10
N THR B 1 1.11 4.12 -4.61
CA THR B 1 1.24 2.87 -3.80
C THR B 1 1.68 1.75 -4.74
N THR B 2 2.67 0.96 -4.37
CA THR B 2 2.94 -0.23 -5.10
C THR B 2 3.20 -1.40 -4.13
N HIS B 3 2.97 -2.63 -4.58
CA HIS B 3 3.28 -3.77 -3.73
C HIS B 3 4.13 -4.78 -4.50
N PHE B 4 5.22 -5.25 -3.88
CA PHE B 4 6.08 -6.28 -4.46
C PHE B 4 6.45 -7.31 -3.41
N THR B 5 7.09 -8.40 -3.84
CA THR B 5 7.30 -9.51 -2.95
C THR B 5 8.50 -10.30 -3.43
N VAL B 6 9.20 -10.90 -2.47
CA VAL B 6 10.43 -11.66 -2.72
C VAL B 6 10.52 -12.88 -1.78
N THR B 7 11.13 -13.96 -2.27
CA THR B 7 11.32 -15.18 -1.50
C THR B 7 12.66 -15.74 -1.88
N ASP B 8 13.45 -16.21 -0.91
CA ASP B 8 14.81 -16.73 -1.23
C ASP B 8 14.92 -18.22 -0.88
N GLN B 9 16.09 -18.79 -1.16
CA GLN B 9 16.38 -20.20 -0.87
C GLN B 9 16.67 -20.49 0.59
N TRP B 10 16.72 -19.47 1.43
CA TRP B 10 16.98 -19.72 2.84
C TRP B 10 15.73 -19.36 3.63
N GLY B 11 14.60 -19.38 2.96
CA GLY B 11 13.34 -19.38 3.67
C GLY B 11 12.72 -18.03 3.92
N ASN B 12 13.41 -16.93 3.62
CA ASN B 12 12.90 -15.63 4.00
C ASN B 12 11.81 -15.28 3.03
N VAL B 13 10.86 -14.46 3.50
CA VAL B 13 9.68 -14.09 2.72
C VAL B 13 9.43 -12.61 2.93
N VAL B 14 9.29 -11.89 1.82
CA VAL B 14 9.12 -10.44 1.90
C VAL B 14 7.82 -10.02 1.18
N SER B 15 6.91 -9.42 1.96
CA SER B 15 5.74 -8.76 1.43
C SER B 15 5.92 -7.31 1.77
N TYR B 16 5.97 -6.47 0.74
CA TYR B 16 6.30 -5.04 0.91
C TYR B 16 5.35 -4.14 0.12
N THR B 17 4.49 -3.39 0.81
CA THR B 17 3.68 -2.34 0.21
C THR B 17 4.28 -1.01 0.60
N THR B 18 4.20 -0.03 -0.31
CA THR B 18 5.00 1.19 -0.18
C THR B 18 4.54 2.26 -1.13
N THR B 19 4.55 3.52 -0.68
CA THR B 19 3.88 4.61 -1.45
C THR B 19 4.41 6.05 -1.28
N ILE B 20 3.95 6.96 -2.12
CA ILE B 20 4.08 8.40 -1.85
C ILE B 20 2.66 9.00 -1.84
N GLU B 21 1.67 8.09 -1.83
CA GLU B 21 0.22 8.40 -1.73
C GLU B 21 -0.37 8.60 -3.14
N GLN B 22 -0.94 9.77 -3.38
CA GLN B 22 -1.36 10.21 -4.70
C GLN B 22 -0.29 9.93 -5.73
N LEU B 23 -0.62 9.74 -7.00
CA LEU B 23 0.40 9.55 -8.00
C LEU B 23 1.30 10.79 -7.99
N PHE B 24 2.61 10.56 -7.89
CA PHE B 24 3.61 11.63 -7.73
C PHE B 24 3.45 12.37 -6.42
N GLY B 25 2.75 11.77 -5.48
CA GLY B 25 2.50 12.44 -4.24
C GLY B 25 1.89 13.84 -4.42
N THR B 26 2.36 14.79 -3.62
CA THR B 26 1.96 16.21 -3.77
C THR B 26 2.27 16.78 -5.15
N GLY B 27 3.04 16.01 -5.93
CA GLY B 27 3.57 16.48 -7.20
C GLY B 27 4.92 17.13 -6.98
N ILE B 28 5.21 17.58 -5.76
CA ILE B 28 6.43 18.32 -5.54
C ILE B 28 7.69 17.47 -5.75
N LEU B 29 8.68 18.09 -6.37
CA LEU B 29 9.94 17.44 -6.60
C LEU B 29 11.02 18.27 -5.96
N VAL B 30 11.68 17.71 -4.95
CA VAL B 30 12.81 18.36 -4.31
C VAL B 30 13.76 18.92 -5.40
N PRO B 31 13.91 20.26 -5.41
CA PRO B 31 14.54 21.01 -6.51
C PRO B 31 15.97 20.61 -6.72
N GLY B 32 16.26 20.23 -7.96
CA GLY B 32 17.59 19.80 -8.38
C GLY B 32 18.03 18.53 -7.69
N TYR B 33 17.07 17.83 -7.11
CA TYR B 33 17.29 16.52 -6.53
C TYR B 33 16.51 15.41 -7.21
N GLY B 34 15.52 15.78 -8.03
CA GLY B 34 14.65 14.83 -8.71
C GLY B 34 13.71 13.98 -7.84
N LEU B 35 13.65 14.20 -6.54
CA LEU B 35 12.94 13.32 -5.63
C LEU B 35 11.49 13.79 -5.39
N PHE B 36 10.52 12.93 -5.74
CA PHE B 36 9.10 13.24 -5.54
C PHE B 36 8.67 13.11 -4.09
N LEU B 37 7.76 14.00 -3.70
CA LEU B 37 7.40 14.09 -2.29
C LEU B 37 5.94 13.79 -1.91
N ASN B 38 5.79 12.86 -0.96
CA ASN B 38 4.50 12.31 -0.56
C ASN B 38 3.50 13.32 -0.03
N ASN B 39 2.19 13.07 -0.21
CA ASN B 39 1.16 13.91 0.42
C ASN B 39 0.51 13.16 1.56
N GLU B 40 1.17 12.11 2.00
CA GLU B 40 0.64 11.16 2.97
C GLU B 40 -0.19 11.71 4.10
N LEU B 41 0.13 12.90 4.61
CA LEU B 41 -0.65 13.45 5.71
C LEU B 41 -2.13 13.69 5.39
N THR B 42 -2.51 13.65 4.11
CA THR B 42 -3.92 13.78 3.69
C THR B 42 -4.63 12.45 3.81
N ASP B 43 -3.95 11.47 4.40
CA ASP B 43 -4.60 10.24 4.85
C ASP B 43 -5.29 10.50 6.17
N PHE B 44 -4.79 11.49 6.90
CA PHE B 44 -5.43 12.01 8.10
C PHE B 44 -6.79 12.60 7.79
N ASP B 45 -7.67 12.58 8.81
CA ASP B 45 -9.04 13.08 8.73
C ASP B 45 -8.98 14.58 8.59
N ALA B 46 -9.92 15.13 7.83
CA ALA B 46 -10.01 16.62 7.68
C ALA B 46 -10.66 17.34 8.88
N ILE B 47 -11.92 17.02 9.12
CA ILE B 47 -12.56 17.49 10.34
C ILE B 47 -11.89 16.79 11.52
N PRO B 48 -11.37 17.57 12.48
CA PRO B 48 -10.60 16.91 13.54
C PRO B 48 -11.44 16.33 14.63
N GLY B 49 -10.80 15.53 15.50
CA GLY B 49 -11.46 15.01 16.70
C GLY B 49 -11.74 13.52 16.75
N GLY B 50 -11.52 12.83 15.64
CA GLY B 50 -11.64 11.38 15.62
C GLY B 50 -10.34 10.65 15.84
N ALA B 51 -10.44 9.32 15.85
CA ALA B 51 -9.26 8.48 15.90
C ALA B 51 -8.19 8.93 14.92
N ASN B 52 -8.57 9.25 13.69
CA ASN B 52 -7.55 9.55 12.68
C ASN B 52 -7.43 11.04 12.35
N GLU B 53 -7.52 11.86 13.41
CA GLU B 53 -7.27 13.29 13.24
C GLU B 53 -5.78 13.55 13.06
N VAL B 54 -5.45 14.72 12.52
CA VAL B 54 -4.07 15.15 12.37
C VAL B 54 -3.47 15.45 13.75
N GLN B 55 -2.25 15.00 14.00
CA GLN B 55 -1.53 15.37 15.21
C GLN B 55 -0.06 15.45 14.88
N PRO B 56 0.66 16.38 15.52
CA PRO B 56 2.09 16.44 15.26
C PRO B 56 2.74 15.11 15.71
N ASN B 57 3.64 14.58 14.90
CA ASN B 57 4.38 13.33 15.27
C ASN B 57 3.55 12.03 15.15
N LYS B 58 2.26 12.14 14.82
CA LYS B 58 1.40 11.01 14.57
C LYS B 58 1.55 10.54 13.11
N ARG B 59 1.22 9.29 12.85
CA ARG B 59 1.24 8.74 11.48
C ARG B 59 -0.20 8.67 10.97
N PRO B 60 -0.47 9.10 9.73
CA PRO B 60 -1.82 9.04 9.24
C PRO B 60 -2.18 7.61 8.91
N LEU B 61 -3.43 7.27 9.16
CA LEU B 61 -3.94 5.93 8.96
C LEU B 61 -3.74 5.48 7.52
N SER B 62 -3.25 4.24 7.38
CA SER B 62 -3.05 3.63 6.07
C SER B 62 -4.08 2.51 5.78
N SER B 63 -4.11 2.05 4.53
CA SER B 63 -4.93 0.94 4.12
C SER B 63 -4.01 -0.20 3.69
N MET B 64 -2.70 0.00 3.82
CA MET B 64 -1.79 -0.97 3.21
C MET B 64 -1.92 -2.32 3.94
N THR B 65 -1.86 -3.39 3.17
CA THR B 65 -2.15 -4.68 3.73
C THR B 65 -1.21 -5.80 3.22
N PRO B 66 0.12 -5.57 3.25
CA PRO B 66 1.03 -6.67 2.90
C PRO B 66 0.75 -7.81 3.87
N THR B 67 0.64 -9.01 3.31
CA THR B 67 0.23 -10.15 4.06
C THR B 67 1.02 -11.37 3.67
N ILE B 68 1.21 -12.26 4.64
CA ILE B 68 1.72 -13.58 4.36
C ILE B 68 0.75 -14.56 5.03
N VAL B 69 0.37 -15.58 4.28
CA VAL B 69 -0.53 -16.60 4.77
C VAL B 69 0.29 -17.82 5.06
N PHE B 70 0.02 -18.46 6.20
CA PHE B 70 0.77 -19.66 6.64
C PHE B 70 -0.11 -20.89 6.77
N LYS B 71 0.28 -22.01 6.17
CA LYS B 71 -0.36 -23.28 6.51
C LYS B 71 0.67 -23.97 7.37
N ASP B 72 0.27 -24.29 8.60
CA ASP B 72 1.05 -25.14 9.50
C ASP B 72 2.42 -24.57 9.84
N GLU B 73 2.38 -23.36 10.39
CA GLU B 73 3.58 -22.60 10.79
C GLU B 73 4.48 -22.16 9.64
N LYS B 74 4.20 -22.61 8.43
CA LYS B 74 5.07 -22.29 7.31
C LYS B 74 4.33 -21.40 6.35
N PRO B 75 4.98 -20.32 5.86
CA PRO B 75 4.36 -19.41 4.93
C PRO B 75 4.10 -20.07 3.60
N VAL B 76 2.85 -20.00 3.14
CA VAL B 76 2.50 -20.58 1.82
C VAL B 76 2.14 -19.54 0.78
N LEU B 77 1.71 -18.35 1.21
CA LEU B 77 1.25 -17.36 0.24
C LEU B 77 1.50 -15.94 0.69
N THR B 78 1.64 -15.07 -0.30
CA THR B 78 1.98 -13.68 -0.10
C THR B 78 1.01 -12.84 -0.95
N VAL B 79 0.46 -11.78 -0.35
CA VAL B 79 -0.57 -10.99 -1.00
C VAL B 79 -0.38 -9.55 -0.57
N GLY B 80 -0.59 -8.63 -1.50
CA GLY B 80 -0.63 -7.23 -1.17
C GLY B 80 -1.00 -6.47 -2.43
N SER B 81 -1.41 -5.23 -2.29
CA SER B 81 -1.76 -4.41 -3.45
C SER B 81 -1.82 -2.93 -3.09
N PRO B 82 -1.85 -2.09 -4.12
CA PRO B 82 -2.06 -0.72 -3.92
C PRO B 82 -3.51 -0.46 -4.16
N GLY B 83 -3.87 0.79 -4.30
CA GLY B 83 -5.25 1.14 -4.65
C GLY B 83 -6.00 1.97 -3.61
N GLY B 84 -5.25 2.71 -2.80
CA GLY B 84 -5.82 3.58 -1.83
C GLY B 84 -6.60 2.76 -0.83
N THR B 85 -7.77 3.25 -0.48
CA THR B 85 -8.57 2.57 0.51
C THR B 85 -9.22 1.27 0.00
N THR B 86 -9.21 1.03 -1.29
CA THR B 86 -9.66 -0.23 -1.86
C THR B 86 -8.70 -1.36 -1.59
N ILE B 87 -7.48 -1.08 -1.12
CA ILE B 87 -6.55 -2.17 -0.86
C ILE B 87 -7.16 -3.26 0.00
N ILE B 88 -7.74 -2.88 1.11
CA ILE B 88 -8.28 -3.88 2.04
C ILE B 88 -9.16 -4.89 1.25
N ALA B 89 -9.99 -4.32 0.36
CA ALA B 89 -10.96 -5.10 -0.40
C ALA B 89 -10.32 -5.98 -1.44
N SER B 90 -9.27 -5.49 -2.11
CA SER B 90 -8.51 -6.32 -3.05
C SER B 90 -7.90 -7.56 -2.39
N VAL B 91 -7.26 -7.40 -1.24
CA VAL B 91 -6.58 -8.52 -0.62
C VAL B 91 -7.62 -9.51 -0.09
N PHE B 92 -8.59 -8.99 0.62
CA PHE B 92 -9.75 -9.78 1.01
C PHE B 92 -10.25 -10.67 -0.14
N GLN B 93 -10.64 -10.04 -1.24
CA GLN B 93 -11.15 -10.80 -2.37
C GLN B 93 -10.16 -11.79 -2.98
N THR B 94 -8.90 -11.40 -3.13
CA THR B 94 -7.84 -12.31 -3.61
C THR B 94 -7.71 -13.58 -2.74
N ILE B 95 -7.74 -13.36 -1.43
CA ILE B 95 -7.66 -14.45 -0.50
C ILE B 95 -8.88 -15.32 -0.63
N LEU B 96 -10.07 -14.72 -0.68
CA LEU B 96 -11.28 -15.53 -0.88
C LEU B 96 -11.17 -16.38 -2.15
N ASN B 97 -10.93 -15.73 -3.27
CA ASN B 97 -10.86 -16.45 -4.53
C ASN B 97 -9.89 -17.62 -4.43
N TYR B 98 -8.75 -17.36 -3.82
CA TYR B 98 -7.73 -18.42 -3.75
C TYR B 98 -8.06 -19.52 -2.73
N PHE B 99 -8.46 -19.16 -1.51
CA PHE B 99 -8.70 -20.18 -0.46
C PHE B 99 -10.16 -20.69 -0.36
N GLU B 100 -11.18 -19.82 -0.47
CA GLU B 100 -12.59 -20.26 -0.56
C GLU B 100 -13.07 -20.80 -1.90
N TYR B 101 -12.51 -20.34 -3.01
CA TYR B 101 -12.98 -20.86 -4.32
C TYR B 101 -11.99 -21.86 -4.90
N GLY B 102 -10.81 -21.94 -4.31
CA GLY B 102 -9.82 -22.90 -4.78
C GLY B 102 -9.36 -22.62 -6.18
N MET B 103 -9.40 -21.34 -6.55
CA MET B 103 -8.96 -20.92 -7.84
C MET B 103 -7.44 -20.94 -7.87
N SER B 104 -6.89 -21.07 -9.07
CA SER B 104 -5.48 -20.89 -9.23
C SER B 104 -5.13 -19.53 -8.65
N LEU B 105 -3.90 -19.33 -8.22
CA LEU B 105 -3.45 -17.99 -7.80
C LEU B 105 -3.66 -16.88 -8.82
N GLN B 106 -3.29 -17.10 -10.07
CA GLN B 106 -3.50 -16.06 -11.05
C GLN B 106 -4.96 -15.83 -11.26
N ASP B 107 -5.71 -16.93 -11.29
CA ASP B 107 -7.14 -16.77 -11.49
C ASP B 107 -7.75 -15.94 -10.36
N ALA B 108 -7.30 -16.18 -9.13
CA ALA B 108 -7.82 -15.45 -8.00
C ALA B 108 -7.53 -14.00 -8.12
N ILE B 109 -6.33 -13.67 -8.61
CA ILE B 109 -5.91 -12.29 -8.82
C ILE B 109 -6.79 -11.55 -9.85
N GLU B 110 -6.90 -12.19 -11.01
CA GLU B 110 -7.58 -11.63 -12.19
C GLU B 110 -9.09 -11.49 -12.05
N GLU B 111 -9.68 -12.34 -11.22
CA GLU B 111 -11.12 -12.38 -10.99
C GLU B 111 -11.72 -11.06 -10.53
N PRO B 112 -12.58 -10.43 -11.37
CA PRO B 112 -13.08 -9.09 -11.13
C PRO B 112 -13.49 -8.82 -9.71
N ARG B 113 -13.03 -7.68 -9.20
CA ARG B 113 -13.36 -7.27 -7.84
C ARG B 113 -14.42 -6.17 -7.82
N ILE B 114 -15.06 -6.05 -6.66
CA ILE B 114 -15.84 -4.87 -6.37
C ILE B 114 -15.06 -4.14 -5.29
N TYR B 115 -15.53 -2.92 -5.02
CA TYR B 115 -15.18 -2.18 -3.83
C TYR B 115 -16.33 -1.24 -3.49
N THR B 116 -16.66 -1.12 -2.21
CA THR B 116 -17.64 -0.15 -1.77
C THR B 116 -17.54 0.09 -0.30
N ASN B 117 -17.28 1.34 0.06
CA ASN B 117 -17.02 1.74 1.45
C ASN B 117 -18.25 2.31 2.12
N SER B 118 -19.18 2.85 1.33
CA SER B 118 -20.44 3.36 1.87
C SER B 118 -21.53 3.16 0.85
N LEU B 119 -22.73 3.63 1.18
CA LEU B 119 -23.83 3.59 0.20
C LEU B 119 -23.60 4.54 -0.98
N THR B 120 -22.57 5.40 -0.92
CA THR B 120 -22.30 6.34 -2.00
C THR B 120 -20.99 6.13 -2.72
N SER B 121 -20.29 5.03 -2.44
CA SER B 121 -19.07 4.74 -3.14
C SER B 121 -19.06 3.28 -3.55
N TYR B 122 -19.17 3.10 -4.86
CA TYR B 122 -19.14 1.78 -5.48
C TYR B 122 -18.15 1.78 -6.64
N ARG B 123 -17.34 0.72 -6.78
CA ARG B 123 -16.55 0.49 -7.98
C ARG B 123 -16.56 -0.97 -8.34
N TYR B 124 -16.46 -1.28 -9.62
CA TYR B 124 -16.36 -2.70 -10.03
C TYR B 124 -15.43 -2.87 -11.20
N GLU B 125 -14.73 -4.01 -11.25
CA GLU B 125 -13.84 -4.36 -12.38
C GLU B 125 -14.66 -4.97 -13.55
N SER B 126 -14.29 -4.61 -14.78
CA SER B 126 -14.80 -5.19 -16.00
C SER B 126 -14.77 -6.70 -15.91
N GLY B 127 -15.90 -7.30 -16.24
CA GLY B 127 -16.13 -8.70 -16.02
C GLY B 127 -17.42 -8.87 -15.23
N MET B 128 -17.84 -7.85 -14.50
CA MET B 128 -19.07 -8.06 -13.77
C MET B 128 -20.13 -8.20 -14.85
N PRO B 129 -20.84 -9.33 -14.83
CA PRO B 129 -21.96 -9.52 -15.75
C PRO B 129 -23.05 -8.45 -15.61
N GLU B 130 -23.50 -7.95 -16.75
CA GLU B 130 -24.44 -6.87 -16.81
C GLU B 130 -25.73 -7.20 -16.12
N ASP B 131 -26.31 -8.34 -16.48
CA ASP B 131 -27.59 -8.77 -15.90
C ASP B 131 -27.43 -8.65 -14.41
N VAL B 132 -26.28 -9.11 -13.96
CA VAL B 132 -26.00 -9.15 -12.52
C VAL B 132 -25.86 -7.76 -11.91
N ARG B 133 -25.18 -6.85 -12.57
CA ARG B 133 -25.01 -5.50 -12.05
C ARG B 133 -26.40 -4.85 -11.91
N ARG B 134 -27.20 -5.04 -12.95
CA ARG B 134 -28.53 -4.46 -13.06
C ARG B 134 -29.41 -4.94 -11.89
N LYS B 135 -29.38 -6.23 -11.64
CA LYS B 135 -30.20 -6.87 -10.65
C LYS B 135 -29.70 -6.44 -9.26
N LEU B 136 -28.39 -6.23 -9.12
CA LEU B 136 -27.86 -5.63 -7.88
C LEU B 136 -28.34 -4.24 -7.61
N ASN B 137 -28.32 -3.39 -8.62
CA ASN B 137 -28.81 -2.02 -8.45
C ASN B 137 -30.30 -1.93 -8.18
N ASP B 138 -31.10 -2.82 -8.77
CA ASP B 138 -32.51 -2.93 -8.37
C ASP B 138 -32.66 -3.19 -6.88
N PHE B 139 -31.79 -4.05 -6.39
CA PHE B 139 -31.80 -4.47 -4.98
C PHE B 139 -31.38 -3.35 -4.02
N GLY B 140 -30.75 -2.30 -4.55
CA GLY B 140 -30.41 -1.16 -3.73
C GLY B 140 -28.96 -0.72 -3.83
N HIS B 141 -28.18 -1.31 -4.72
CA HIS B 141 -26.79 -0.89 -4.91
C HIS B 141 -26.65 0.21 -5.95
N LYS B 142 -25.45 0.80 -6.02
CA LYS B 142 -25.11 1.86 -6.96
C LYS B 142 -23.78 1.56 -7.68
N PHE B 143 -23.67 0.40 -8.31
CA PHE B 143 -22.57 0.19 -9.23
C PHE B 143 -22.81 1.03 -10.49
N GLY B 144 -21.96 2.03 -10.72
CA GLY B 144 -22.11 2.96 -11.82
C GLY B 144 -22.03 2.38 -13.23
N SER B 145 -22.30 3.25 -14.19
CA SER B 145 -22.44 2.83 -15.60
C SER B 145 -21.15 2.40 -16.31
N ASN B 146 -19.98 2.47 -15.70
CA ASN B 146 -18.80 1.85 -16.33
C ASN B 146 -17.62 1.56 -15.39
N PRO B 147 -16.92 0.41 -15.67
CA PRO B 147 -15.99 -0.33 -14.80
C PRO B 147 -14.64 0.34 -14.66
N VAL B 148 -13.85 -0.09 -13.69
CA VAL B 148 -12.50 0.44 -13.54
C VAL B 148 -11.64 -0.65 -12.95
N ASP B 149 -10.34 -0.61 -13.22
CA ASP B 149 -9.46 -1.60 -12.62
C ASP B 149 -9.36 -1.17 -11.18
N ILE B 150 -9.23 -2.17 -10.30
CA ILE B 150 -9.11 -1.98 -8.86
C ILE B 150 -7.87 -2.73 -8.44
N GLY B 151 -6.85 -2.01 -8.00
CA GLY B 151 -5.68 -2.63 -7.38
C GLY B 151 -4.67 -3.31 -8.30
N ASN B 152 -3.79 -4.10 -7.70
CA ASN B 152 -2.68 -4.65 -8.43
C ASN B 152 -2.04 -5.68 -7.59
N VAL B 153 -2.57 -6.90 -7.51
CA VAL B 153 -1.92 -7.87 -6.66
C VAL B 153 -0.66 -8.48 -7.28
N GLN B 154 0.43 -8.47 -6.53
CA GLN B 154 1.57 -9.31 -6.83
C GLN B 154 1.62 -10.32 -5.71
N SER B 155 2.03 -11.54 -6.02
CA SER B 155 1.95 -12.57 -5.04
C SER B 155 2.79 -13.77 -5.36
N ILE B 156 3.36 -14.39 -4.32
CA ILE B 156 4.11 -15.62 -4.48
C ILE B 156 3.47 -16.69 -3.60
N PHE B 157 3.35 -17.86 -4.20
CA PHE B 157 2.86 -19.07 -3.55
C PHE B 157 4.10 -19.93 -3.36
N ILE B 158 4.13 -20.63 -2.22
CA ILE B 158 5.29 -21.43 -1.82
C ILE B 158 4.89 -22.92 -1.82
N ASP B 159 5.44 -23.63 -2.80
CA ASP B 159 4.98 -24.96 -3.15
C ASP B 159 5.91 -25.96 -2.53
N ARG B 160 5.60 -26.48 -1.33
CA ARG B 160 6.49 -27.49 -0.74
C ARG B 160 6.54 -28.71 -1.67
N GLU B 161 5.36 -29.25 -1.94
CA GLU B 161 5.15 -30.52 -2.62
C GLU B 161 5.95 -30.64 -3.92
N ASN B 162 6.08 -29.55 -4.65
CA ASN B 162 6.95 -29.50 -5.80
C ASN B 162 8.24 -28.71 -5.58
N LYS B 163 8.50 -28.32 -4.33
CA LYS B 163 9.71 -27.55 -4.02
C LYS B 163 9.99 -26.38 -5.00
N THR B 164 9.03 -25.47 -5.14
CA THR B 164 9.28 -24.27 -5.92
C THR B 164 8.51 -23.10 -5.34
N PHE B 165 8.74 -21.94 -5.94
CA PHE B 165 7.93 -20.73 -5.74
C PHE B 165 7.23 -20.38 -7.06
N MET B 166 5.97 -19.99 -6.97
CA MET B 166 5.16 -19.59 -8.13
C MET B 166 4.90 -18.14 -7.85
N GLY B 167 5.29 -17.27 -8.77
CA GLY B 167 5.09 -15.85 -8.59
C GLY B 167 4.17 -15.31 -9.67
N VAL B 168 3.26 -14.41 -9.28
CA VAL B 168 2.33 -13.81 -10.22
C VAL B 168 2.22 -12.29 -10.06
N ALA B 169 2.12 -11.58 -11.16
CA ALA B 169 2.03 -10.13 -11.16
C ALA B 169 0.71 -9.78 -11.77
N ASP B 170 -0.11 -9.00 -11.06
CA ASP B 170 -1.42 -8.59 -11.56
C ASP B 170 -1.32 -7.88 -12.91
N SER B 171 -2.27 -8.19 -13.79
CA SER B 171 -2.33 -7.61 -15.11
C SER B 171 -2.61 -6.11 -15.11
N SER B 172 -2.97 -5.53 -13.97
CA SER B 172 -3.47 -4.14 -13.97
C SER B 172 -2.42 -3.11 -14.45
N ARG B 173 -1.16 -3.50 -14.31
CA ARG B 173 -0.03 -2.69 -14.73
C ARG B 173 0.93 -3.65 -15.40
N ASN B 174 2.09 -3.16 -15.86
CA ASN B 174 3.03 -4.02 -16.60
C ASN B 174 4.04 -4.75 -15.75
N GLY B 175 3.64 -5.14 -14.54
CA GLY B 175 4.52 -5.83 -13.63
C GLY B 175 4.84 -7.22 -14.10
N THR B 176 5.76 -7.87 -13.41
CA THR B 176 6.28 -9.12 -13.91
C THR B 176 6.80 -9.97 -12.78
N ALA B 177 6.72 -11.29 -12.97
CA ALA B 177 7.34 -12.28 -12.07
C ALA B 177 8.51 -13.08 -12.71
N VAL B 178 9.60 -13.25 -11.96
CA VAL B 178 10.65 -14.18 -12.41
C VAL B 178 11.39 -14.90 -11.27
N GLY B 179 11.68 -16.16 -11.55
CA GLY B 179 12.30 -17.04 -10.59
C GLY B 179 13.74 -17.30 -10.97
N VAL B 180 14.53 -17.66 -9.96
CA VAL B 180 15.96 -17.85 -10.08
C VAL B 180 16.28 -19.29 -9.70
N ASN B 181 17.18 -19.88 -10.47
CA ASN B 181 17.69 -21.24 -10.22
C ASN B 181 19.24 -21.29 -10.14
N ILE B 182 19.81 -22.36 -9.57
CA ILE B 182 21.28 -22.56 -9.49
C ILE B 182 22.03 -21.47 -8.69
#